data_3JTC
#
_entry.id   3JTC
#
_cell.length_a   59.220
_cell.length_b   62.360
_cell.length_c   71.030
_cell.angle_alpha   90.00
_cell.angle_beta   101.81
_cell.angle_gamma   90.00
#
_symmetry.space_group_name_H-M   'P 1 21 1'
#
loop_
_entity.id
_entity.type
_entity.pdbx_description
1 polymer 'Endothelial protein C receptor'
2 polymer 'Vitamin K-dependent protein C'
3 non-polymer 2-acetamido-2-deoxy-beta-D-glucopyranose
4 non-polymer PHOSPHATIDYLETHANOLAMINE
5 non-polymer 'MAGNESIUM ION'
6 non-polymer 'CALCIUM ION'
7 water water
#
loop_
_entity_poly.entity_id
_entity_poly.type
_entity_poly.pdbx_seq_one_letter_code
_entity_poly.pdbx_strand_id
1 'polypeptide(L)'
;SQDASDGLQRLHMLQISYFRDPYHVWYQGNASLGGHLTHVLEGPDTNTTIIQLQPLQEPESWARTQSGLQSYLLQFHGLV
RLVHQERTLAFPLTIRCFLGCELPPEGSRAHVFFEVAVNGSSFVSFRPERALWQADTQVTSGVVTFTLQQLNAYNRTRYE
LREFLEDTCVQYVQKHISAENTKGSQTSRSYTS
;
A,B
2 'polypeptide(L)' ANSFL(CGU)(CGU)LRHSSL(CGU)R(CGU)CI(CGU)(CGU)ICDF(CGU)(CGU)AK(CGU)IFQN C,D
#
# COMPACT_ATOMS: atom_id res chain seq x y z
N GLY A 7 30.84 -33.01 26.45
CA GLY A 7 29.91 -33.60 25.41
C GLY A 7 29.54 -32.55 24.38
N LEU A 8 28.54 -32.83 23.51
CA LEU A 8 28.13 -31.95 22.38
C LEU A 8 27.49 -30.62 22.79
N GLN A 9 28.30 -29.58 22.68
CA GLN A 9 27.92 -28.23 23.02
C GLN A 9 27.31 -27.56 21.78
N ARG A 10 26.13 -26.91 21.95
CA ARG A 10 25.55 -26.45 20.71
C ARG A 10 24.67 -25.24 20.90
N LEU A 11 24.54 -24.45 19.87
CA LEU A 11 23.59 -23.28 19.92
C LEU A 11 22.68 -23.57 18.71
N HIS A 12 21.38 -23.58 19.00
CA HIS A 12 20.33 -23.74 17.92
C HIS A 12 19.51 -22.54 17.88
N MET A 13 19.14 -22.12 16.67
CA MET A 13 18.28 -20.93 16.48
C MET A 13 17.12 -21.33 15.59
N LEU A 14 15.92 -20.82 15.92
CA LEU A 14 14.71 -21.19 15.17
C LEU A 14 14.04 -19.89 14.81
N GLN A 15 13.61 -19.77 13.55
CA GLN A 15 12.85 -18.51 13.11
C GLN A 15 11.67 -18.96 12.28
N ILE A 16 10.42 -18.52 12.63
CA ILE A 16 9.27 -18.85 11.80
C ILE A 16 8.79 -17.48 11.36
N SER A 17 8.53 -17.40 10.06
CA SER A 17 8.15 -16.10 9.47
C SER A 17 6.81 -16.33 8.74
N TYR A 18 5.75 -15.63 9.21
CA TYR A 18 4.39 -15.81 8.63
C TYR A 18 4.17 -14.60 7.73
N PHE A 19 4.10 -14.83 6.42
CA PHE A 19 3.88 -13.74 5.49
C PHE A 19 2.39 -13.66 5.07
N ARG A 20 1.68 -12.60 5.48
CA ARG A 20 0.26 -12.40 5.05
C ARG A 20 0.21 -12.10 3.57
N ASP A 21 1.23 -11.35 3.12
CA ASP A 21 1.42 -10.98 1.75
C ASP A 21 2.89 -10.65 1.62
N PRO A 22 3.34 -10.15 0.46
CA PRO A 22 4.79 -9.89 0.32
C PRO A 22 5.36 -8.80 1.23
N TYR A 23 4.53 -7.92 1.76
CA TYR A 23 5.01 -6.73 2.45
C TYR A 23 4.89 -6.74 3.97
N HIS A 24 4.25 -7.78 4.53
CA HIS A 24 4.03 -7.81 5.97
C HIS A 24 4.37 -9.20 6.51
N VAL A 25 5.15 -9.25 7.59
CA VAL A 25 5.52 -10.57 8.12
C VAL A 25 5.44 -10.50 9.63
N TRP A 26 5.07 -11.60 10.25
CA TRP A 26 5.20 -11.73 11.66
C TRP A 26 6.29 -12.77 11.90
N TYR A 27 7.25 -12.37 12.72
CA TYR A 27 8.34 -13.30 13.06
C TYR A 27 8.15 -13.90 14.46
N GLN A 28 8.60 -15.11 14.65
CA GLN A 28 8.62 -15.75 16.00
C GLN A 28 9.79 -16.70 16.00
N GLY A 29 10.70 -16.53 16.94
CA GLY A 29 11.86 -17.40 16.96
C GLY A 29 12.42 -17.53 18.37
N ASN A 30 13.47 -18.36 18.49
CA ASN A 30 14.15 -18.46 19.79
C ASN A 30 15.46 -19.11 19.60
N ALA A 31 16.27 -19.18 20.65
CA ALA A 31 17.55 -19.91 20.49
C ALA A 31 17.75 -20.60 21.80
N SER A 32 18.53 -21.67 21.75
CA SER A 32 18.88 -22.50 22.94
C SER A 32 20.32 -22.90 22.92
N LEU A 33 20.92 -22.99 24.12
CA LEU A 33 22.28 -23.49 24.28
C LEU A 33 22.02 -24.87 24.94
N GLY A 34 22.38 -25.94 24.24
CA GLY A 34 22.00 -27.30 24.71
C GLY A 34 20.49 -27.36 24.84
N GLY A 35 20.00 -27.84 25.97
CA GLY A 35 18.57 -27.88 26.12
C GLY A 35 17.99 -26.69 26.84
N HIS A 36 18.80 -25.62 27.03
CA HIS A 36 18.37 -24.46 27.80
C HIS A 36 17.95 -23.31 26.88
N LEU A 37 16.69 -22.86 26.98
CA LEU A 37 16.21 -21.73 26.21
C LEU A 37 16.87 -20.46 26.64
N THR A 38 17.49 -19.74 25.69
CA THR A 38 18.24 -18.56 26.00
C THR A 38 17.72 -17.27 25.40
N HIS A 39 16.97 -17.33 24.28
CA HIS A 39 16.60 -16.10 23.64
C HIS A 39 15.24 -16.30 22.99
N VAL A 40 14.51 -15.19 22.87
CA VAL A 40 13.25 -15.20 22.12
C VAL A 40 13.20 -13.98 21.22
N LEU A 41 12.43 -14.11 20.13
CA LEU A 41 12.37 -13.06 19.08
C LEU A 41 10.91 -13.08 18.68
N GLU A 42 10.21 -11.93 18.61
CA GLU A 42 8.81 -12.04 18.15
C GLU A 42 8.29 -10.62 17.80
N GLY A 43 7.54 -10.53 16.72
CA GLY A 43 6.98 -9.20 16.45
C GLY A 43 6.72 -9.05 14.96
N PRO A 44 6.07 -7.94 14.60
CA PRO A 44 5.90 -7.70 13.15
C PRO A 44 7.25 -7.18 12.58
N ASP A 45 7.39 -7.20 11.25
CA ASP A 45 8.62 -6.74 10.63
C ASP A 45 9.01 -5.34 11.04
N THR A 46 7.97 -4.55 11.32
CA THR A 46 8.19 -3.16 11.72
C THR A 46 8.65 -2.96 13.15
N ASN A 47 8.52 -3.98 14.00
CA ASN A 47 8.88 -3.90 15.42
C ASN A 47 9.10 -5.24 16.07
N THR A 48 10.23 -5.88 15.71
CA THR A 48 10.46 -7.22 16.19
C THR A 48 11.32 -7.10 17.46
N THR A 49 10.78 -7.69 18.54
CA THR A 49 11.46 -7.68 19.83
C THR A 49 12.42 -8.87 19.89
N ILE A 50 13.64 -8.62 20.33
CA ILE A 50 14.69 -9.66 20.46
C ILE A 50 15.25 -9.53 21.87
N ILE A 51 15.17 -10.61 22.64
CA ILE A 51 15.48 -10.63 24.07
C ILE A 51 16.42 -11.84 24.42
N GLN A 52 17.44 -11.57 25.23
CA GLN A 52 18.21 -12.65 25.90
C GLN A 52 17.58 -12.81 27.31
N LEU A 53 17.12 -14.02 27.57
CA LEU A 53 16.33 -14.31 28.80
C LEU A 53 17.24 -14.21 30.03
N GLN A 54 18.52 -14.53 29.90
CA GLN A 54 19.52 -14.23 30.94
C GLN A 54 20.55 -13.32 30.28
N PRO A 55 21.28 -12.52 31.10
CA PRO A 55 22.16 -11.55 30.50
C PRO A 55 23.51 -12.17 30.12
N LEU A 56 23.49 -12.99 29.09
CA LEU A 56 24.73 -13.68 28.70
C LEU A 56 25.72 -12.73 28.09
N GLN A 57 25.22 -11.74 27.38
CA GLN A 57 26.08 -10.69 26.81
C GLN A 57 25.88 -9.36 27.55
N GLU A 58 26.98 -8.60 27.79
CA GLU A 58 26.94 -7.28 28.46
C GLU A 58 26.21 -6.33 27.48
N PRO A 59 25.74 -5.13 27.96
CA PRO A 59 24.83 -4.29 27.18
C PRO A 59 25.35 -3.92 25.81
N GLU A 60 26.64 -3.57 25.69
CA GLU A 60 27.13 -3.14 24.40
C GLU A 60 27.13 -4.26 23.37
N SER A 61 27.66 -5.41 23.79
CA SER A 61 27.83 -6.57 22.97
C SER A 61 26.46 -7.12 22.56
N TRP A 62 25.48 -7.13 23.46
CA TRP A 62 24.10 -7.49 23.12
C TRP A 62 23.44 -6.59 22.06
N ALA A 63 23.66 -5.31 22.25
CA ALA A 63 23.13 -4.33 21.29
C ALA A 63 23.77 -4.55 19.90
N ARG A 64 25.05 -4.93 19.83
CA ARG A 64 25.68 -5.22 18.52
C ARG A 64 25.03 -6.49 17.91
N THR A 65 24.88 -7.56 18.74
CA THR A 65 24.12 -8.75 18.24
C THR A 65 22.76 -8.42 17.74
N GLN A 66 21.99 -7.65 18.49
CA GLN A 66 20.63 -7.28 18.16
C GLN A 66 20.68 -6.53 16.80
N SER A 67 21.65 -5.64 16.68
CA SER A 67 21.75 -4.89 15.39
C SER A 67 21.94 -5.84 14.17
N GLY A 68 22.78 -6.85 14.28
CA GLY A 68 23.06 -7.75 13.18
C GLY A 68 21.81 -8.56 12.90
N LEU A 69 21.09 -8.93 13.97
CA LEU A 69 19.83 -9.74 13.78
C LEU A 69 18.79 -8.94 13.09
N GLN A 70 18.68 -7.63 13.42
CA GLN A 70 17.65 -6.81 12.77
C GLN A 70 18.03 -6.58 11.28
N SER A 71 19.30 -6.39 10.98
CA SER A 71 19.71 -6.34 9.58
C SER A 71 19.42 -7.59 8.83
N TYR A 72 19.78 -8.72 9.47
CA TYR A 72 19.39 -9.99 8.86
C TYR A 72 17.87 -10.05 8.55
N LEU A 73 16.98 -9.68 9.47
CA LEU A 73 15.55 -9.87 9.24
C LEU A 73 15.13 -9.01 8.03
N LEU A 74 15.68 -7.79 7.93
CA LEU A 74 15.23 -6.96 6.78
C LEU A 74 15.72 -7.58 5.47
N GLN A 75 16.90 -8.20 5.48
CA GLN A 75 17.49 -8.81 4.25
C GLN A 75 16.76 -10.06 3.88
N PHE A 76 16.34 -10.84 4.91
CA PHE A 76 15.56 -12.06 4.69
C PHE A 76 14.20 -11.69 4.04
N HIS A 77 13.51 -10.70 4.65
CA HIS A 77 12.25 -10.20 4.07
C HIS A 77 12.52 -9.73 2.60
N GLY A 78 13.60 -8.95 2.42
CA GLY A 78 13.95 -8.51 1.03
C GLY A 78 14.06 -9.61 0.03
N LEU A 79 14.71 -10.69 0.43
CA LEU A 79 14.88 -11.81 -0.48
C LEU A 79 13.54 -12.46 -0.81
N VAL A 80 12.69 -12.59 0.19
CA VAL A 80 11.36 -13.18 -0.07
C VAL A 80 10.57 -12.28 -1.06
N ARG A 81 10.57 -11.00 -0.83
CA ARG A 81 9.93 -10.00 -1.73
C ARG A 81 10.54 -10.09 -3.12
N LEU A 82 11.85 -10.32 -3.21
CA LEU A 82 12.51 -10.37 -4.54
C LEU A 82 12.07 -11.66 -5.28
N VAL A 83 12.01 -12.83 -4.62
CA VAL A 83 11.54 -14.03 -5.27
C VAL A 83 10.09 -13.86 -5.73
N HIS A 84 9.27 -13.26 -4.89
CA HIS A 84 7.91 -12.94 -5.38
C HIS A 84 7.94 -12.05 -6.64
N GLN A 85 8.66 -10.93 -6.61
CA GLN A 85 8.64 -9.98 -7.75
C GLN A 85 9.16 -10.61 -9.03
N GLU A 86 10.06 -11.56 -8.86
CA GLU A 86 10.72 -12.17 -10.03
C GLU A 86 10.06 -13.45 -10.55
N ARG A 87 9.44 -14.21 -9.64
CA ARG A 87 8.86 -15.56 -9.96
C ARG A 87 7.42 -15.82 -9.54
N THR A 88 6.88 -14.94 -8.70
CA THR A 88 5.55 -15.06 -8.07
C THR A 88 5.50 -16.15 -6.98
N LEU A 89 5.21 -15.71 -5.76
CA LEU A 89 4.90 -16.67 -4.70
C LEU A 89 3.38 -16.59 -4.42
N ALA A 90 2.80 -17.69 -3.90
CA ALA A 90 1.42 -17.74 -3.44
C ALA A 90 1.37 -17.43 -1.95
N PHE A 91 0.61 -16.41 -1.57
CA PHE A 91 0.53 -15.96 -0.17
C PHE A 91 -0.88 -16.32 0.37
N PRO A 92 -1.05 -16.55 1.69
CA PRO A 92 -0.10 -16.46 2.75
C PRO A 92 0.86 -17.62 2.71
N LEU A 93 2.05 -17.44 3.28
CA LEU A 93 2.97 -18.60 3.33
C LEU A 93 3.77 -18.46 4.61
N THR A 94 4.28 -19.57 5.09
CA THR A 94 5.07 -19.53 6.30
C THR A 94 6.44 -20.11 5.94
N ILE A 95 7.53 -19.52 6.46
CA ILE A 95 8.84 -20.13 6.19
C ILE A 95 9.50 -20.42 7.55
N ARG A 96 10.22 -21.53 7.68
CA ARG A 96 10.85 -21.86 8.97
C ARG A 96 12.34 -22.04 8.64
N CYS A 97 13.11 -21.27 9.39
CA CYS A 97 14.56 -21.49 9.28
C CYS A 97 15.06 -22.14 10.59
N PHE A 98 15.85 -23.20 10.50
CA PHE A 98 16.36 -23.84 11.73
C PHE A 98 17.86 -23.99 11.43
N LEU A 99 18.64 -23.55 12.35
CA LEU A 99 20.08 -23.37 12.05
C LEU A 99 20.89 -23.49 13.35
N GLY A 100 22.19 -23.77 13.25
CA GLY A 100 22.95 -23.82 14.47
C GLY A 100 24.36 -24.34 14.22
N CYS A 101 25.02 -24.50 15.35
CA CYS A 101 26.39 -24.96 15.36
C CYS A 101 26.56 -25.96 16.50
N GLU A 102 27.38 -26.99 16.27
CA GLU A 102 27.44 -28.14 17.22
C GLU A 102 28.92 -28.45 17.26
N LEU A 103 29.44 -28.45 18.47
CA LEU A 103 30.90 -28.61 18.68
C LEU A 103 31.21 -29.99 19.22
N PRO A 104 31.82 -30.85 18.42
CA PRO A 104 32.08 -32.22 18.93
C PRO A 104 33.08 -32.22 20.09
N PRO A 105 32.89 -33.18 21.03
CA PRO A 105 33.70 -33.22 22.25
C PRO A 105 35.16 -33.63 21.88
N GLU A 106 35.31 -34.51 20.89
CA GLU A 106 36.64 -34.94 20.47
C GLU A 106 37.50 -33.79 19.87
N GLY A 107 36.87 -32.75 19.31
CA GLY A 107 37.59 -31.58 18.84
C GLY A 107 37.73 -31.43 17.33
N SER A 108 37.05 -32.27 16.55
CA SER A 108 36.91 -32.07 15.14
C SER A 108 36.14 -30.70 14.88
N ARG A 109 36.09 -30.31 13.62
CA ARG A 109 35.49 -29.04 13.22
C ARG A 109 34.00 -29.04 13.52
N ALA A 110 33.50 -27.90 13.99
CA ALA A 110 32.05 -27.78 14.36
C ALA A 110 31.19 -28.17 13.20
N HIS A 111 30.05 -28.84 13.48
CA HIS A 111 29.11 -29.15 12.47
C HIS A 111 28.04 -28.05 12.49
N VAL A 112 27.67 -27.55 11.31
CA VAL A 112 26.67 -26.43 11.23
C VAL A 112 25.60 -26.79 10.26
N PHE A 113 24.50 -26.08 10.37
CA PHE A 113 23.37 -26.31 9.46
C PHE A 113 22.48 -25.08 9.41
N PHE A 114 21.71 -25.00 8.34
CA PHE A 114 20.75 -23.93 8.10
C PHE A 114 19.72 -24.41 7.10
N GLU A 115 18.61 -24.94 7.62
CA GLU A 115 17.58 -25.54 6.78
C GLU A 115 16.35 -24.64 6.69
N VAL A 116 15.81 -24.52 5.49
CA VAL A 116 14.64 -23.69 5.26
C VAL A 116 13.49 -24.58 4.86
N ALA A 117 12.34 -24.44 5.54
CA ALA A 117 11.12 -25.14 5.05
C ALA A 117 10.05 -24.11 4.70
N VAL A 118 9.19 -24.45 3.74
CA VAL A 118 8.12 -23.47 3.36
C VAL A 118 6.79 -24.23 3.56
N ASN A 119 5.85 -23.60 4.26
CA ASN A 119 4.55 -24.22 4.49
C ASN A 119 4.65 -25.66 5.08
N GLY A 120 5.60 -25.83 6.02
CA GLY A 120 5.91 -27.14 6.70
C GLY A 120 6.65 -28.18 5.86
N SER A 121 7.02 -27.88 4.62
CA SER A 121 7.77 -28.85 3.84
C SER A 121 9.24 -28.40 3.61
N SER A 122 10.18 -29.36 3.61
CA SER A 122 11.60 -29.10 3.26
C SER A 122 11.73 -28.36 1.94
N PHE A 123 12.67 -27.38 1.88
CA PHE A 123 12.71 -26.53 0.67
C PHE A 123 14.14 -26.46 0.20
N VAL A 124 15.00 -25.73 0.94
CA VAL A 124 16.43 -25.69 0.61
C VAL A 124 17.25 -25.73 1.92
N SER A 125 18.50 -26.07 1.81
CA SER A 125 19.40 -26.08 2.97
C SER A 125 20.82 -25.78 2.56
N PHE A 126 21.61 -25.34 3.56
CA PHE A 126 22.97 -24.92 3.31
C PHE A 126 23.94 -26.06 3.50
N ARG A 127 24.90 -26.12 2.56
CA ARG A 127 25.98 -27.14 2.65
C ARG A 127 27.33 -26.42 2.93
N PRO A 128 27.84 -26.47 4.16
CA PRO A 128 28.92 -25.55 4.49
C PRO A 128 30.26 -25.90 3.88
N GLU A 129 30.44 -27.14 3.39
CA GLU A 129 31.78 -27.50 2.80
C GLU A 129 32.25 -26.58 1.69
N ARG A 130 31.37 -26.25 0.72
CA ARG A 130 31.71 -25.28 -0.30
C ARG A 130 30.81 -24.05 -0.24
N ALA A 131 30.04 -24.00 0.83
CA ALA A 131 29.23 -22.81 1.10
C ALA A 131 28.22 -22.58 -0.01
N LEU A 132 27.45 -23.65 -0.24
CA LEU A 132 26.46 -23.64 -1.29
C LEU A 132 25.14 -24.13 -0.81
N TRP A 133 24.03 -23.59 -1.35
CA TRP A 133 22.72 -24.08 -1.01
C TRP A 133 22.21 -25.10 -2.01
N GLN A 134 21.43 -26.06 -1.50
CA GLN A 134 20.85 -27.10 -2.39
C GLN A 134 19.39 -27.26 -2.10
N ALA A 135 18.62 -27.82 -3.07
CA ALA A 135 17.20 -28.09 -2.82
C ALA A 135 17.08 -29.33 -1.95
N ASP A 136 16.11 -29.29 -1.05
CA ASP A 136 15.77 -30.43 -0.22
C ASP A 136 14.55 -31.10 -0.81
N THR A 137 13.76 -30.34 -1.59
CA THR A 137 12.63 -30.93 -2.25
C THR A 137 13.03 -31.46 -3.60
N GLN A 138 12.31 -32.48 -4.04
CA GLN A 138 12.51 -32.99 -5.41
C GLN A 138 11.49 -32.42 -6.37
N VAL A 139 10.58 -31.53 -5.95
CA VAL A 139 9.65 -30.90 -6.87
C VAL A 139 10.38 -29.73 -7.49
N THR A 140 10.46 -29.73 -8.82
CA THR A 140 11.25 -28.66 -9.48
C THR A 140 10.28 -27.54 -9.71
N SER A 141 10.84 -26.32 -9.67
CA SER A 141 9.96 -25.19 -9.96
C SER A 141 10.80 -23.93 -10.19
N GLY A 142 10.18 -22.95 -10.87
CA GLY A 142 10.93 -21.71 -11.13
C GLY A 142 11.34 -21.09 -9.79
N VAL A 143 10.46 -21.19 -8.81
CA VAL A 143 10.79 -20.59 -7.46
C VAL A 143 12.03 -21.20 -6.84
N VAL A 144 12.08 -22.53 -6.84
CA VAL A 144 13.24 -23.13 -6.18
C VAL A 144 14.49 -22.82 -6.94
N THR A 145 14.44 -22.94 -8.27
CA THR A 145 15.60 -22.66 -9.09
C THR A 145 16.15 -21.23 -8.85
N PHE A 146 15.20 -20.29 -8.86
CA PHE A 146 15.62 -18.85 -8.72
C PHE A 146 16.15 -18.60 -7.29
N THR A 147 15.47 -19.16 -6.27
CA THR A 147 15.91 -18.94 -4.90
C THR A 147 17.34 -19.47 -4.73
N LEU A 148 17.61 -20.69 -5.23
CA LEU A 148 18.98 -21.20 -5.17
C LEU A 148 19.97 -20.36 -5.95
N GLN A 149 19.57 -19.88 -7.14
CA GLN A 149 20.47 -19.03 -7.92
C GLN A 149 20.87 -17.81 -7.08
N GLN A 150 19.89 -17.19 -6.48
CA GLN A 150 20.20 -15.99 -5.64
C GLN A 150 21.08 -16.33 -4.44
N LEU A 151 20.73 -17.41 -3.69
CA LEU A 151 21.52 -17.72 -2.52
C LEU A 151 22.94 -18.08 -2.86
N ASN A 152 23.16 -18.76 -4.01
CA ASN A 152 24.50 -19.17 -4.42
C ASN A 152 25.26 -18.10 -5.20
N ALA A 153 24.65 -16.92 -5.33
CA ALA A 153 25.31 -15.89 -6.13
C ALA A 153 26.20 -14.89 -5.43
N TYR A 154 26.08 -14.77 -4.10
CA TYR A 154 26.60 -13.59 -3.35
C TYR A 154 27.44 -14.04 -2.17
N ASN A 155 28.55 -13.32 -1.91
CA ASN A 155 29.27 -13.46 -0.67
C ASN A 155 28.42 -13.51 0.58
N ARG A 156 27.47 -12.62 0.66
CA ARG A 156 26.63 -12.47 1.85
C ARG A 156 25.93 -13.78 2.23
N THR A 157 25.29 -14.42 1.25
CA THR A 157 24.46 -15.57 1.52
C THR A 157 25.23 -16.87 1.46
N ARG A 158 26.53 -16.81 1.05
CA ARG A 158 27.42 -18.01 1.05
C ARG A 158 28.45 -17.90 2.18
N TYR A 159 29.44 -17.06 1.99
CA TYR A 159 30.58 -17.02 2.97
C TYR A 159 30.30 -16.30 4.23
N GLU A 160 29.60 -15.17 4.20
CA GLU A 160 29.27 -14.48 5.42
C GLU A 160 28.33 -15.42 6.26
N LEU A 161 27.41 -16.10 5.59
CA LEU A 161 26.49 -17.02 6.24
C LEU A 161 27.26 -18.16 6.90
N ARG A 162 28.21 -18.73 6.15
CA ARG A 162 29.06 -19.78 6.69
C ARG A 162 29.79 -19.27 7.93
N GLU A 163 30.41 -18.10 7.81
CA GLU A 163 31.08 -17.47 8.93
C GLU A 163 30.23 -17.24 10.15
N PHE A 164 28.96 -16.85 9.95
CA PHE A 164 28.11 -16.71 11.10
C PHE A 164 27.99 -18.08 11.83
N LEU A 165 27.81 -19.13 11.07
CA LEU A 165 27.63 -20.46 11.66
C LEU A 165 28.93 -21.00 12.28
N GLU A 166 29.99 -20.97 11.50
CA GLU A 166 31.22 -21.64 11.92
C GLU A 166 32.13 -20.83 12.82
N ASP A 167 31.95 -19.51 12.77
CA ASP A 167 32.77 -18.56 13.51
C ASP A 167 32.00 -17.87 14.63
N THR A 168 30.98 -17.08 14.28
CA THR A 168 30.26 -16.36 15.32
C THR A 168 29.55 -17.26 16.30
N CYS A 169 28.80 -18.25 15.75
CA CYS A 169 28.02 -19.19 16.56
C CYS A 169 28.95 -20.02 17.46
N VAL A 170 30.05 -20.50 16.87
CA VAL A 170 30.96 -21.37 17.62
C VAL A 170 31.63 -20.60 18.75
N GLN A 171 32.08 -19.37 18.47
CA GLN A 171 32.64 -18.56 19.60
C GLN A 171 31.65 -18.28 20.70
N TYR A 172 30.39 -18.05 20.31
CA TYR A 172 29.34 -17.79 21.30
C TYR A 172 29.16 -19.06 22.17
N VAL A 173 29.14 -20.25 21.58
CA VAL A 173 29.03 -21.53 22.34
C VAL A 173 30.24 -21.62 23.31
N GLN A 174 31.44 -21.36 22.78
CA GLN A 174 32.64 -21.51 23.64
C GLN A 174 32.67 -20.54 24.77
N LYS A 175 32.17 -19.35 24.56
CA LYS A 175 32.16 -18.36 25.62
C LYS A 175 31.03 -18.52 26.66
N HIS A 176 29.82 -18.91 26.26
CA HIS A 176 28.66 -18.74 27.15
C HIS A 176 28.11 -19.98 27.82
N ILE A 177 28.46 -21.15 27.31
CA ILE A 177 28.36 -22.36 28.13
C ILE A 177 29.72 -22.37 28.89
N SER A 178 30.79 -22.79 28.17
CA SER A 178 32.25 -22.55 28.46
C SER A 178 33.09 -23.54 27.66
N LEU B 8 -14.19 2.27 12.03
CA LEU B 8 -13.09 2.28 11.01
C LEU B 8 -12.60 3.73 10.71
N GLN B 9 -11.41 3.81 10.14
CA GLN B 9 -10.79 5.06 9.97
C GLN B 9 -11.32 5.57 8.63
N ARG B 10 -12.37 6.37 8.71
CA ARG B 10 -13.05 6.83 7.49
C ARG B 10 -13.67 8.18 7.63
N LEU B 11 -13.82 8.83 6.47
CA LEU B 11 -14.65 10.06 6.39
C LEU B 11 -15.55 9.88 5.18
N HIS B 12 -16.85 9.94 5.41
CA HIS B 12 -17.89 9.83 4.38
C HIS B 12 -18.62 11.18 4.29
N MET B 13 -18.98 11.57 3.08
CA MET B 13 -19.72 12.78 2.79
C MET B 13 -20.92 12.43 1.89
N LEU B 14 -22.07 13.04 2.18
CA LEU B 14 -23.25 12.90 1.40
C LEU B 14 -23.76 14.28 1.02
N GLN B 15 -24.08 14.49 -0.27
CA GLN B 15 -24.55 15.80 -0.76
C GLN B 15 -25.80 15.47 -1.52
N ILE B 16 -26.95 16.08 -1.14
CA ILE B 16 -28.17 16.00 -1.95
C ILE B 16 -28.44 17.36 -2.50
N SER B 17 -28.70 17.46 -3.83
CA SER B 17 -28.83 18.78 -4.49
C SER B 17 -30.15 18.71 -5.26
N TYR B 18 -31.08 19.59 -4.88
CA TYR B 18 -32.45 19.64 -5.43
C TYR B 18 -32.49 20.84 -6.39
N PHE B 19 -32.60 20.53 -7.69
CA PHE B 19 -32.60 21.58 -8.67
C PHE B 19 -34.00 21.86 -9.11
N ARG B 20 -34.52 23.03 -8.77
CA ARG B 20 -35.89 23.30 -9.32
C ARG B 20 -35.88 23.67 -10.83
N ASP B 21 -34.77 24.24 -11.28
CA ASP B 21 -34.59 24.62 -12.70
C ASP B 21 -33.07 24.69 -12.81
N PRO B 22 -32.55 24.97 -13.98
CA PRO B 22 -31.09 25.02 -14.08
C PRO B 22 -30.38 26.05 -13.22
N TYR B 23 -31.07 27.11 -12.76
CA TYR B 23 -30.38 28.22 -12.18
C TYR B 23 -30.46 28.25 -10.67
N HIS B 24 -31.24 27.35 -10.06
CA HIS B 24 -31.43 27.40 -8.57
C HIS B 24 -31.33 25.99 -8.02
N VAL B 25 -30.58 25.85 -6.93
CA VAL B 25 -30.42 24.51 -6.28
C VAL B 25 -30.52 24.73 -4.80
N TRP B 26 -31.08 23.73 -4.13
CA TRP B 26 -31.09 23.73 -2.68
C TRP B 26 -30.22 22.53 -2.25
N TYR B 27 -29.26 22.76 -1.34
CA TYR B 27 -28.39 21.68 -0.89
C TYR B 27 -28.76 21.17 0.51
N GLN B 28 -28.57 19.90 0.67
CA GLN B 28 -28.68 19.23 2.03
C GLN B 28 -27.55 18.18 2.07
N GLY B 29 -26.65 18.28 3.03
CA GLY B 29 -25.48 17.40 3.02
C GLY B 29 -24.97 17.24 4.44
N ASN B 30 -24.10 16.27 4.57
CA ASN B 30 -23.51 15.96 5.88
C ASN B 30 -22.33 15.07 5.76
N ALA B 31 -21.42 15.16 6.74
CA ALA B 31 -20.29 14.21 6.74
C ALA B 31 -20.19 13.49 8.07
N SER B 32 -19.66 12.25 8.05
CA SER B 32 -19.40 11.51 9.30
C SER B 32 -17.94 11.06 9.26
N LEU B 33 -17.27 11.25 10.39
CA LEU B 33 -15.92 10.72 10.59
C LEU B 33 -16.00 9.60 11.62
N GLY B 34 -15.48 8.46 11.24
CA GLY B 34 -15.49 7.33 12.19
C GLY B 34 -16.90 6.96 12.64
N GLY B 35 -17.90 7.20 11.75
CA GLY B 35 -19.27 6.90 12.09
C GLY B 35 -19.97 7.97 12.89
N HIS B 36 -19.28 9.05 13.27
CA HIS B 36 -19.95 10.12 13.93
C HIS B 36 -20.29 11.25 12.99
N LEU B 37 -21.55 11.70 13.01
CA LEU B 37 -21.91 12.86 12.18
C LEU B 37 -21.22 14.17 12.67
N THR B 38 -20.26 14.74 11.89
CA THR B 38 -19.48 15.88 12.29
C THR B 38 -19.76 17.20 11.53
N HIS B 39 -20.44 17.14 10.36
CA HIS B 39 -20.66 18.38 9.56
C HIS B 39 -22.03 18.32 8.97
N VAL B 40 -22.63 19.49 8.81
CA VAL B 40 -23.87 19.70 8.13
C VAL B 40 -23.75 20.83 7.11
N LEU B 41 -24.37 20.56 5.96
CA LEU B 41 -24.39 21.53 4.85
C LEU B 41 -25.86 21.75 4.47
N GLU B 42 -26.27 23.00 4.31
CA GLU B 42 -27.66 23.24 4.00
C GLU B 42 -27.84 24.62 3.43
N GLY B 43 -28.65 24.68 2.40
CA GLY B 43 -29.15 25.99 1.92
C GLY B 43 -29.21 26.14 0.43
N PRO B 44 -29.77 27.26 -0.04
CA PRO B 44 -29.81 27.57 -1.46
C PRO B 44 -28.40 27.89 -1.96
N ASP B 45 -28.25 27.87 -3.27
CA ASP B 45 -26.97 28.16 -3.86
C ASP B 45 -26.46 29.59 -3.54
N THR B 46 -27.41 30.53 -3.42
CA THR B 46 -27.22 31.93 -2.83
C THR B 46 -26.65 32.07 -1.36
N ASN B 47 -26.72 30.99 -0.56
CA ASN B 47 -26.49 31.09 0.91
C ASN B 47 -26.42 29.69 1.52
N THR B 48 -25.38 28.95 1.15
CA THR B 48 -25.21 27.59 1.65
C THR B 48 -24.42 27.66 2.93
N THR B 49 -24.99 27.19 4.06
CA THR B 49 -24.25 27.20 5.29
C THR B 49 -23.50 25.82 5.42
N ILE B 50 -22.29 25.87 5.92
CA ILE B 50 -21.53 24.66 6.18
C ILE B 50 -20.98 24.79 7.61
N ILE B 51 -21.28 23.82 8.48
CA ILE B 51 -20.85 23.91 9.90
C ILE B 51 -20.12 22.67 10.33
N GLN B 52 -19.14 22.80 11.21
CA GLN B 52 -18.52 21.66 11.85
C GLN B 52 -19.18 21.59 13.28
N LEU B 53 -19.72 20.44 13.60
CA LEU B 53 -20.49 20.27 14.86
C LEU B 53 -19.53 20.11 16.01
N GLN B 54 -18.27 19.69 15.75
CA GLN B 54 -17.19 19.73 16.74
C GLN B 54 -16.13 20.67 16.19
N PRO B 55 -15.35 21.31 17.07
CA PRO B 55 -14.38 22.26 16.51
C PRO B 55 -13.13 21.45 16.09
N LEU B 56 -13.32 20.58 15.09
CA LEU B 56 -12.22 19.68 14.69
C LEU B 56 -11.04 20.51 14.05
N GLN B 57 -11.42 21.48 13.22
CA GLN B 57 -10.47 22.45 12.68
C GLN B 57 -10.53 23.79 13.41
N GLU B 58 -9.32 24.32 13.66
CA GLU B 58 -9.19 25.74 14.10
C GLU B 58 -9.79 26.70 13.08
N PRO B 59 -10.13 27.92 13.53
CA PRO B 59 -10.92 28.80 12.68
C PRO B 59 -10.30 29.12 11.31
N GLU B 60 -9.01 29.33 11.23
CA GLU B 60 -8.38 29.65 9.95
C GLU B 60 -8.35 28.43 8.99
N SER B 61 -7.97 27.28 9.54
CA SER B 61 -8.03 26.04 8.80
C SER B 61 -9.46 25.73 8.28
N TRP B 62 -10.47 25.90 9.14
CA TRP B 62 -11.87 25.61 8.80
C TRP B 62 -12.33 26.57 7.73
N ALA B 63 -11.85 27.84 7.85
CA ALA B 63 -12.28 28.81 6.85
C ALA B 63 -11.72 28.44 5.47
N ARG B 64 -10.48 27.97 5.41
CA ARG B 64 -9.88 27.54 4.14
C ARG B 64 -10.66 26.29 3.55
N THR B 65 -11.10 25.40 4.43
CA THR B 65 -11.86 24.18 4.02
C THR B 65 -13.21 24.61 3.49
N GLN B 66 -13.84 25.54 4.18
CA GLN B 66 -15.12 26.00 3.79
C GLN B 66 -15.01 26.62 2.38
N SER B 67 -13.92 27.37 2.17
CA SER B 67 -13.76 28.09 0.89
C SER B 67 -13.70 27.10 -0.26
N GLY B 68 -12.97 26.01 -0.06
CA GLY B 68 -12.80 24.94 -1.07
C GLY B 68 -14.19 24.30 -1.31
N LEU B 69 -14.92 24.03 -0.24
CA LEU B 69 -16.27 23.52 -0.43
C LEU B 69 -17.21 24.44 -1.21
N GLN B 70 -17.17 25.74 -0.93
CA GLN B 70 -18.11 26.71 -1.57
C GLN B 70 -17.75 26.81 -3.07
N SER B 71 -16.45 26.74 -3.36
CA SER B 71 -16.01 26.70 -4.77
C SER B 71 -16.49 25.45 -5.50
N TYR B 72 -16.33 24.31 -4.87
CA TYR B 72 -16.84 23.08 -5.40
C TYR B 72 -18.32 23.19 -5.69
N LEU B 73 -19.14 23.77 -4.77
CA LEU B 73 -20.60 23.84 -5.01
C LEU B 73 -20.92 24.67 -6.30
N LEU B 74 -20.20 25.80 -6.44
CA LEU B 74 -20.39 26.71 -7.61
C LEU B 74 -20.04 25.91 -8.89
N GLN B 75 -18.94 25.11 -8.86
CA GLN B 75 -18.54 24.32 -10.04
C GLN B 75 -19.48 23.18 -10.38
N PHE B 76 -19.97 22.48 -9.33
CA PHE B 76 -20.92 21.44 -9.45
C PHE B 76 -22.18 21.96 -10.12
N HIS B 77 -22.67 23.12 -9.61
CA HIS B 77 -23.87 23.72 -10.18
C HIS B 77 -23.58 24.11 -11.67
N GLY B 78 -22.42 24.71 -11.89
CA GLY B 78 -22.00 25.04 -13.26
C GLY B 78 -22.05 23.85 -14.19
N LEU B 79 -21.49 22.73 -13.76
CA LEU B 79 -21.47 21.55 -14.59
C LEU B 79 -22.90 21.02 -14.96
N VAL B 80 -23.78 21.02 -13.97
CA VAL B 80 -25.17 20.60 -14.17
C VAL B 80 -25.83 21.52 -15.24
N ARG B 81 -25.65 22.80 -15.06
CA ARG B 81 -26.17 23.81 -15.95
C ARG B 81 -25.61 23.57 -17.36
N LEU B 82 -24.31 23.26 -17.45
CA LEU B 82 -23.71 23.00 -18.79
C LEU B 82 -24.33 21.80 -19.47
N VAL B 83 -24.49 20.71 -18.74
CA VAL B 83 -25.11 19.49 -19.28
C VAL B 83 -26.56 19.84 -19.79
N HIS B 84 -27.29 20.65 -19.01
CA HIS B 84 -28.59 21.08 -19.50
C HIS B 84 -28.44 21.87 -20.81
N GLN B 85 -27.52 22.83 -20.82
CA GLN B 85 -27.41 23.74 -21.99
C GLN B 85 -27.02 22.92 -23.24
N GLU B 86 -26.27 21.83 -23.07
CA GLU B 86 -25.72 21.17 -24.27
C GLU B 86 -26.56 19.99 -24.68
N ARG B 87 -27.34 19.40 -23.72
CA ARG B 87 -28.09 18.18 -24.01
C ARG B 87 -29.53 18.16 -23.48
N THR B 88 -29.90 19.12 -22.62
CA THR B 88 -31.30 19.24 -22.08
C THR B 88 -31.55 18.24 -20.95
N LEU B 89 -31.79 18.79 -19.76
CA LEU B 89 -32.17 17.92 -18.67
C LEU B 89 -33.61 18.26 -18.38
N ALA B 90 -34.30 17.27 -17.84
CA ALA B 90 -35.69 17.47 -17.32
C ALA B 90 -35.70 17.88 -15.82
N PHE B 91 -36.22 19.08 -15.52
CA PHE B 91 -36.34 19.61 -14.16
C PHE B 91 -37.79 19.50 -13.63
N PRO B 92 -37.98 19.40 -12.31
CA PRO B 92 -36.94 19.37 -11.27
C PRO B 92 -36.19 18.03 -11.23
N LEU B 93 -34.97 18.05 -10.67
CA LEU B 93 -34.26 16.79 -10.50
C LEU B 93 -33.41 16.85 -9.25
N THR B 94 -33.07 15.67 -8.74
CA THR B 94 -32.36 15.56 -7.50
C THR B 94 -31.05 14.75 -7.80
N ILE B 95 -29.93 15.32 -7.37
CA ILE B 95 -28.63 14.60 -7.52
C ILE B 95 -28.10 14.22 -6.14
N ARG B 96 -27.60 12.98 -6.03
CA ARG B 96 -26.99 12.58 -4.77
C ARG B 96 -25.53 12.28 -5.01
N CYS B 97 -24.64 12.95 -4.29
CA CYS B 97 -23.22 12.53 -4.40
C CYS B 97 -22.84 11.92 -3.07
N PHE B 98 -22.25 10.73 -3.12
CA PHE B 98 -21.80 10.03 -1.94
C PHE B 98 -20.29 9.67 -2.16
N LEU B 99 -19.47 10.11 -1.24
CA LEU B 99 -18.01 10.06 -1.52
C LEU B 99 -17.24 9.92 -0.23
N GLY B 100 -15.98 9.50 -0.29
CA GLY B 100 -15.26 9.43 0.96
C GLY B 100 -13.96 8.62 0.82
N CYS B 101 -13.37 8.38 1.97
CA CYS B 101 -12.09 7.64 2.01
C CYS B 101 -12.08 6.79 3.24
N GLU B 102 -11.38 5.66 3.17
CA GLU B 102 -11.31 4.72 4.32
C GLU B 102 -9.85 4.21 4.32
N LEU B 103 -9.23 4.14 5.49
CA LEU B 103 -7.84 3.75 5.61
C LEU B 103 -7.74 2.29 6.07
N PRO B 104 -7.48 1.36 5.15
CA PRO B 104 -7.50 -0.08 5.50
C PRO B 104 -6.44 -0.35 6.57
N PRO B 105 -6.71 -1.26 7.55
CA PRO B 105 -5.72 -1.40 8.67
C PRO B 105 -4.38 -1.98 8.15
N GLU B 106 -4.48 -3.00 7.31
CA GLU B 106 -3.35 -3.63 6.57
C GLU B 106 -2.14 -2.73 6.29
N GLY B 107 -2.41 -1.52 5.77
CA GLY B 107 -1.35 -0.55 5.39
C GLY B 107 -1.26 -0.33 3.88
N SER B 108 -2.29 -0.79 3.16
CA SER B 108 -2.39 -0.50 1.73
C SER B 108 -3.01 0.87 1.53
N ARG B 109 -3.11 1.22 0.24
CA ARG B 109 -3.57 2.53 -0.18
C ARG B 109 -5.02 2.70 0.20
N ALA B 110 -5.37 3.90 0.62
CA ALA B 110 -6.75 4.14 1.08
C ALA B 110 -7.74 3.74 -0.01
N HIS B 111 -8.92 3.33 0.42
CA HIS B 111 -10.03 3.06 -0.52
C HIS B 111 -10.86 4.32 -0.63
N VAL B 112 -11.15 4.76 -1.85
CA VAL B 112 -11.91 6.02 -2.00
C VAL B 112 -12.98 5.80 -2.99
N PHE B 113 -14.00 6.66 -2.97
CA PHE B 113 -15.14 6.46 -3.93
C PHE B 113 -15.85 7.82 -4.13
N PHE B 114 -16.52 7.94 -5.24
CA PHE B 114 -17.40 9.07 -5.44
C PHE B 114 -18.49 8.59 -6.39
N GLU B 115 -19.69 8.45 -5.82
CA GLU B 115 -20.80 7.86 -6.59
C GLU B 115 -21.93 8.90 -6.73
N VAL B 116 -22.52 9.01 -7.92
CA VAL B 116 -23.47 10.01 -8.22
C VAL B 116 -24.77 9.27 -8.69
N ALA B 117 -25.87 9.65 -8.06
CA ALA B 117 -27.20 9.23 -8.48
C ALA B 117 -28.03 10.40 -8.92
N VAL B 118 -28.98 10.12 -9.82
CA VAL B 118 -29.89 11.12 -10.27
C VAL B 118 -31.31 10.58 -10.10
N ASN B 119 -32.19 11.43 -9.50
CA ASN B 119 -33.53 11.01 -9.11
C ASN B 119 -33.52 9.62 -8.49
N GLY B 120 -32.54 9.33 -7.63
CA GLY B 120 -32.49 8.08 -6.90
C GLY B 120 -31.93 6.83 -7.61
N SER B 121 -31.58 6.96 -8.91
CA SER B 121 -30.95 5.86 -9.67
C SER B 121 -29.47 6.08 -9.88
N SER B 122 -28.67 5.04 -9.76
CA SER B 122 -27.21 5.23 -10.01
C SER B 122 -26.98 5.82 -11.41
N PHE B 123 -25.96 6.69 -11.54
CA PHE B 123 -25.79 7.45 -12.74
C PHE B 123 -24.36 7.31 -13.19
N VAL B 124 -23.42 7.95 -12.48
CA VAL B 124 -21.96 7.73 -12.74
C VAL B 124 -21.17 7.44 -11.49
N SER B 125 -19.92 6.95 -11.62
CA SER B 125 -19.11 6.76 -10.44
C SER B 125 -17.65 6.85 -10.84
N PHE B 126 -16.87 7.21 -9.86
CA PHE B 126 -15.47 7.49 -10.13
C PHE B 126 -14.63 6.26 -9.90
N ARG B 127 -13.73 6.01 -10.85
CA ARG B 127 -12.78 4.92 -10.70
C ARG B 127 -11.37 5.48 -10.40
N PRO B 128 -10.88 5.33 -9.15
CA PRO B 128 -9.66 5.98 -8.75
C PRO B 128 -8.43 5.43 -9.48
N GLU B 129 -8.42 4.23 -10.03
CA GLU B 129 -7.10 3.69 -10.51
C GLU B 129 -6.45 4.54 -11.64
N ARG B 130 -7.25 4.96 -12.62
CA ARG B 130 -6.78 5.97 -13.57
C ARG B 130 -7.43 7.37 -13.53
N ALA B 131 -8.22 7.56 -12.48
CA ALA B 131 -8.95 8.81 -12.25
C ALA B 131 -9.89 9.07 -13.46
N LEU B 132 -10.76 8.12 -13.75
CA LEU B 132 -11.76 8.23 -14.84
C LEU B 132 -13.14 7.90 -14.25
N TRP B 133 -14.16 8.54 -14.84
CA TRP B 133 -15.52 8.23 -14.42
C TRP B 133 -16.13 7.22 -15.38
N GLN B 134 -17.08 6.46 -14.87
CA GLN B 134 -17.82 5.45 -15.68
C GLN B 134 -19.26 5.59 -15.46
N ALA B 135 -20.02 5.15 -16.47
CA ALA B 135 -21.46 5.06 -16.29
C ALA B 135 -21.91 3.91 -15.40
N ASP B 136 -22.91 4.20 -14.56
CA ASP B 136 -23.69 3.19 -13.78
C ASP B 136 -25.12 2.98 -14.23
N THR B 137 -25.64 3.75 -15.16
CA THR B 137 -27.06 3.71 -15.47
C THR B 137 -27.47 2.36 -16.11
N GLN B 138 -28.79 2.19 -16.26
CA GLN B 138 -29.39 1.05 -16.99
C GLN B 138 -29.54 1.25 -18.52
N VAL B 139 -29.46 2.48 -19.01
CA VAL B 139 -29.63 2.78 -20.46
C VAL B 139 -28.61 3.82 -20.89
N THR B 140 -28.02 3.70 -22.07
CA THR B 140 -27.31 4.90 -22.57
C THR B 140 -28.30 6.02 -22.89
N SER B 141 -27.81 7.25 -22.73
CA SER B 141 -28.54 8.44 -23.12
C SER B 141 -27.48 9.41 -23.59
N GLY B 142 -27.85 10.32 -24.46
CA GLY B 142 -26.95 11.43 -24.81
C GLY B 142 -26.42 12.16 -23.55
N VAL B 143 -27.25 12.20 -22.50
CA VAL B 143 -26.91 12.91 -21.24
C VAL B 143 -25.79 12.23 -20.43
N VAL B 144 -25.88 10.92 -20.27
CA VAL B 144 -24.84 10.18 -19.56
C VAL B 144 -23.51 10.18 -20.38
N THR B 145 -23.59 10.03 -21.71
CA THR B 145 -22.33 10.08 -22.52
C THR B 145 -21.69 11.43 -22.49
N PHE B 146 -22.50 12.46 -22.60
CA PHE B 146 -21.95 13.82 -22.52
C PHE B 146 -21.34 14.10 -21.14
N THR B 147 -22.04 13.67 -20.11
CA THR B 147 -21.58 13.93 -18.72
C THR B 147 -20.19 13.29 -18.55
N LEU B 148 -20.07 12.01 -18.92
CA LEU B 148 -18.82 11.29 -18.82
C LEU B 148 -17.79 11.97 -19.66
N GLN B 149 -18.16 12.44 -20.86
CA GLN B 149 -17.20 13.12 -21.72
C GLN B 149 -16.61 14.31 -21.00
N GLN B 150 -17.49 15.17 -20.40
CA GLN B 150 -17.02 16.25 -19.63
C GLN B 150 -16.14 15.82 -18.44
N LEU B 151 -16.63 14.91 -17.62
CA LEU B 151 -15.87 14.60 -16.40
C LEU B 151 -14.46 14.02 -16.70
N ASN B 152 -14.35 13.31 -17.82
CA ASN B 152 -13.04 12.71 -18.15
C ASN B 152 -12.15 13.56 -19.01
N ALA B 153 -12.58 14.78 -19.25
CA ALA B 153 -11.79 15.63 -20.16
C ALA B 153 -10.82 16.49 -19.44
N TYR B 154 -11.01 16.71 -18.11
CA TYR B 154 -10.31 17.81 -17.45
C TYR B 154 -9.50 17.31 -16.21
N ASN B 155 -8.36 17.98 -15.95
CA ASN B 155 -7.61 17.79 -14.69
C ASN B 155 -8.41 17.99 -13.46
N ARG B 156 -9.29 18.99 -13.47
CA ARG B 156 -10.06 19.34 -12.29
C ARG B 156 -10.96 18.18 -11.83
N THR B 157 -11.63 17.53 -12.76
CA THR B 157 -12.69 16.52 -12.44
C THR B 157 -12.02 15.11 -12.46
N ARG B 158 -10.71 15.00 -12.86
CA ARG B 158 -10.00 13.67 -12.79
C ARG B 158 -9.01 13.67 -11.66
N TYR B 159 -7.89 14.37 -11.84
CA TYR B 159 -6.84 14.22 -10.85
C TYR B 159 -7.04 15.07 -9.65
N GLU B 160 -7.59 16.29 -9.75
CA GLU B 160 -7.77 17.08 -8.56
C GLU B 160 -8.82 16.40 -7.65
N LEU B 161 -9.84 15.82 -8.28
CA LEU B 161 -10.95 15.06 -7.58
C LEU B 161 -10.26 13.83 -6.90
N ARG B 162 -9.48 13.07 -7.65
CA ARG B 162 -8.69 12.00 -7.04
C ARG B 162 -7.91 12.48 -5.79
N GLU B 163 -7.19 13.59 -5.95
CA GLU B 163 -6.35 14.17 -4.91
C GLU B 163 -7.19 14.51 -3.68
N PHE B 164 -8.36 15.10 -3.89
CA PHE B 164 -9.22 15.44 -2.74
C PHE B 164 -9.52 14.14 -1.94
N LEU B 165 -9.76 13.03 -2.65
CA LEU B 165 -10.15 11.75 -2.03
C LEU B 165 -8.95 11.09 -1.31
N GLU B 166 -7.83 10.97 -2.01
CA GLU B 166 -6.70 10.15 -1.59
C GLU B 166 -5.67 10.92 -0.75
N ASP B 167 -5.76 12.25 -0.81
CA ASP B 167 -4.84 13.13 -0.11
C ASP B 167 -5.54 13.97 0.96
N THR B 168 -6.45 14.86 0.55
CA THR B 168 -7.10 15.74 1.53
C THR B 168 -7.93 15.00 2.56
N CYS B 169 -8.78 14.11 2.03
CA CYS B 169 -9.69 13.27 2.86
C CYS B 169 -8.88 12.39 3.80
N VAL B 170 -7.86 11.76 3.24
CA VAL B 170 -7.05 10.81 3.99
C VAL B 170 -6.28 11.51 5.10
N GLN B 171 -5.66 12.64 4.79
CA GLN B 171 -5.01 13.48 5.80
C GLN B 171 -5.96 13.95 6.90
N TYR B 172 -7.17 14.36 6.50
CA TYR B 172 -8.23 14.73 7.52
C TYR B 172 -8.46 13.60 8.51
N VAL B 173 -8.72 12.40 8.01
CA VAL B 173 -8.91 11.22 8.82
C VAL B 173 -7.71 10.98 9.75
N GLN B 174 -6.49 11.07 9.23
CA GLN B 174 -5.39 10.77 10.12
C GLN B 174 -5.17 11.78 11.17
N LYS B 175 -5.55 13.02 10.89
CA LYS B 175 -5.34 14.09 11.86
C LYS B 175 -6.44 14.09 12.94
N HIS B 176 -7.70 13.87 12.52
CA HIS B 176 -8.81 14.01 13.42
C HIS B 176 -9.46 12.76 13.98
N ILE B 177 -9.19 11.54 13.49
CA ILE B 177 -10.08 10.43 13.91
C ILE B 177 -10.06 10.15 15.40
N SER B 178 -8.96 10.50 16.06
CA SER B 178 -8.80 10.17 17.50
C SER B 178 -9.80 11.01 18.32
N ALA B 179 -10.25 12.13 17.76
CA ALA B 179 -11.33 12.87 18.37
C ALA B 179 -12.63 12.05 18.51
N GLU B 180 -12.78 10.99 17.69
CA GLU B 180 -13.95 10.08 17.69
C GLU B 180 -13.57 8.66 18.16
N ALA C 1 24.24 -6.81 -14.26
CA ALA C 1 24.84 -7.89 -13.33
C ALA C 1 24.12 -7.74 -12.00
N ASN C 2 24.12 -8.80 -11.23
CA ASN C 2 23.38 -8.72 -9.93
C ASN C 2 24.30 -8.86 -8.73
N SER C 3 23.98 -8.05 -7.75
CA SER C 3 24.65 -8.03 -6.43
C SER C 3 23.54 -8.18 -5.41
N PHE C 4 23.91 -8.48 -4.15
CA PHE C 4 22.93 -8.88 -3.16
C PHE C 4 21.91 -7.76 -2.96
N LEU C 5 20.65 -8.12 -3.19
CA LEU C 5 19.43 -7.28 -3.09
C LEU C 5 19.32 -6.10 -4.07
N LEU C 8 15.96 -5.52 -5.95
CA LEU C 8 14.81 -4.79 -5.47
C LEU C 8 14.82 -3.32 -5.95
N ARG C 9 15.94 -2.93 -6.53
CA ARG C 9 16.00 -1.53 -7.15
C ARG C 9 15.29 -1.58 -8.49
N HIS C 10 14.67 -0.47 -8.88
CA HIS C 10 14.10 -0.45 -10.25
C HIS C 10 15.20 -0.73 -11.28
N SER C 11 14.80 -1.44 -12.34
CA SER C 11 15.74 -1.67 -13.45
C SER C 11 16.30 -0.40 -14.04
N SER C 12 17.49 -0.51 -14.57
CA SER C 12 18.14 0.69 -15.15
C SER C 12 19.07 0.22 -16.26
N LEU C 13 18.78 0.60 -17.50
CA LEU C 13 19.71 0.38 -18.60
C LEU C 13 21.15 0.79 -18.29
N ARG C 15 22.70 1.43 -15.32
CA ARG C 15 23.34 0.77 -14.20
C ARG C 15 23.67 -0.64 -14.52
N CYS C 17 23.32 -2.61 -17.75
CA CYS C 17 23.73 -3.13 -19.05
C CYS C 17 24.86 -2.28 -19.73
N ILE C 18 25.04 -1.06 -19.22
CA ILE C 18 26.15 -0.19 -19.74
C ILE C 18 27.30 -0.14 -18.71
N ILE C 21 27.73 -5.69 -17.25
CA ILE C 21 27.18 -6.61 -18.26
C ILE C 21 25.86 -7.14 -17.73
N CYS C 22 24.86 -7.15 -18.61
CA CYS C 22 23.56 -7.72 -18.22
C CYS C 22 23.21 -8.93 -18.97
N ASP C 23 22.55 -9.86 -18.27
CA ASP C 23 22.06 -11.05 -18.97
C ASP C 23 20.69 -10.79 -19.60
N PHE C 24 20.16 -11.75 -20.38
CA PHE C 24 18.94 -11.44 -21.17
C PHE C 24 17.76 -11.12 -20.28
N ALA C 27 17.98 -7.63 -19.13
CA ALA C 27 17.57 -6.72 -20.24
C ALA C 27 16.06 -6.67 -20.40
N LYS C 28 15.38 -7.83 -20.36
CA LYS C 28 13.91 -7.89 -20.53
C LYS C 28 13.21 -7.14 -19.39
N ILE C 30 14.26 -4.46 -18.10
CA ILE C 30 14.23 -3.06 -18.59
C ILE C 30 13.20 -2.83 -19.71
N PHE C 31 13.13 -3.72 -20.71
CA PHE C 31 12.27 -3.44 -21.87
C PHE C 31 10.81 -3.43 -21.50
N GLN C 32 10.42 -4.34 -20.61
CA GLN C 32 9.02 -4.46 -20.21
C GLN C 32 8.14 -4.59 -21.44
N ASN C 33 8.51 -5.50 -22.31
CA ASN C 33 7.72 -5.76 -23.47
C ASN C 33 6.96 -7.10 -23.35
N ALA D 1 -11.60 24.22 -28.82
CA ALA D 1 -11.24 23.18 -27.75
C ALA D 1 -11.93 23.54 -26.44
N ASN D 2 -11.99 22.54 -25.56
CA ASN D 2 -12.73 22.74 -24.28
C ASN D 2 -11.82 22.60 -23.06
N SER D 3 -11.97 23.59 -22.20
CA SER D 3 -11.34 23.56 -20.86
C SER D 3 -12.47 23.56 -19.83
N PHE D 4 -12.12 23.26 -18.59
CA PHE D 4 -13.17 23.08 -17.61
C PHE D 4 -14.05 24.33 -17.39
N LEU D 5 -15.33 24.07 -17.55
CA LEU D 5 -16.39 25.07 -17.52
C LEU D 5 -16.30 26.18 -18.58
N LEU D 8 -19.62 27.06 -20.48
CA LEU D 8 -20.52 28.06 -19.99
C LEU D 8 -20.40 29.44 -20.67
N ARG D 9 -19.33 29.68 -21.44
CA ARG D 9 -19.09 30.99 -22.02
C ARG D 9 -19.77 30.98 -23.37
N HIS D 10 -20.15 32.18 -23.83
CA HIS D 10 -20.69 32.28 -25.22
C HIS D 10 -19.67 31.75 -26.18
N SER D 11 -20.20 31.12 -27.23
CA SER D 11 -19.32 30.66 -28.39
C SER D 11 -18.53 31.81 -29.00
N SER D 12 -17.36 31.46 -29.51
CA SER D 12 -16.56 32.43 -30.22
C SER D 12 -15.76 31.74 -31.28
N LEU D 13 -15.99 32.16 -32.53
CA LEU D 13 -15.11 31.72 -33.60
C LEU D 13 -13.61 31.95 -33.34
N ARG D 15 -11.97 32.60 -30.44
CA ARG D 15 -11.45 31.94 -29.27
C ARG D 15 -11.50 30.41 -29.32
N CYS D 17 -11.96 28.52 -32.55
CA CYS D 17 -11.67 27.69 -33.73
C CYS D 17 -10.43 28.21 -34.46
N ILE D 18 -9.98 29.41 -34.09
CA ILE D 18 -8.81 30.00 -34.71
C ILE D 18 -7.65 30.00 -33.73
N ILE D 21 -7.97 24.64 -31.76
CA ILE D 21 -8.60 23.71 -32.68
C ILE D 21 -10.03 23.42 -32.16
N CYS D 22 -11.05 23.45 -33.02
CA CYS D 22 -12.41 23.16 -32.56
C CYS D 22 -13.04 21.96 -33.27
N ASP D 23 -13.80 21.14 -32.53
CA ASP D 23 -14.46 19.98 -33.14
C ASP D 23 -15.82 20.47 -33.81
N PHE D 24 -16.56 19.57 -34.48
CA PHE D 24 -17.64 19.98 -35.37
C PHE D 24 -18.78 20.54 -34.53
N ALA D 27 -18.07 23.96 -33.54
CA ALA D 27 -18.32 24.82 -34.72
C ALA D 27 -19.82 25.10 -34.86
N LYS D 28 -20.65 24.07 -34.80
CA LYS D 28 -22.10 24.23 -34.90
C LYS D 28 -22.65 25.20 -33.84
N ILE D 30 -20.96 27.79 -32.69
CA ILE D 30 -20.62 29.15 -33.24
C ILE D 30 -21.69 29.54 -34.28
N PHE D 31 -22.02 28.64 -35.21
CA PHE D 31 -22.81 29.05 -36.42
C PHE D 31 -24.24 29.37 -35.93
N GLN D 32 -24.71 28.67 -34.89
CA GLN D 32 -26.05 28.92 -34.30
C GLN D 32 -26.13 30.27 -33.56
N ASN D 33 -25.00 30.78 -33.06
CA ASN D 33 -25.02 31.82 -32.03
C ASN D 33 -24.33 33.14 -32.32
#